data_4IEE
#
_entry.id   4IEE
#
_cell.length_a   57.101
_cell.length_b   63.142
_cell.length_c   149.491
_cell.angle_alpha   90.00
_cell.angle_beta   90.00
_cell.angle_gamma   90.00
#
_symmetry.space_group_name_H-M   'P 21 21 21'
#
loop_
_entity.id
_entity.type
_entity.pdbx_description
1 polymer 'Gene 2 protein'
2 non-polymer 'MAGNESIUM ION'
3 non-polymer 'PHOSPHOTHIOPHOSPHORIC ACID-ADENYLATE ESTER'
4 water water
#
_entity_poly.entity_id   1
_entity_poly.type   'polypeptide(L)'
_entity_poly.pdbx_seq_one_letter_code
;MGSSHHHHHHSSGLVPAGSHMTSINPIFEPFIEAHRYKVAKGGRGSGKSWAIARLLVEAARRQPVRILCARELQNSISDS
VIRLLEDTIEREGYSAEFEIQRSMIRHLGTNAEFMFYGIKNNPTKIKSLEGIDICWVEEAEAVTKESWDILIPTIRKPFS
EIWVSFNPKNILDDTYQRFVVNPPDDICLLTVNYTDNPHFPEVLRLEMEECKRRNPTLYRHIWLGEPVSASDMAIIKREW
LEAATDAHKKLGWKAKGAVVSAHDPSDTGPDAKGYASRHGSVVKRIAEGLLMDINEGADWATSLAIEDGADHYLWDGDGV
GAGLRRQTTEAFSGKKITATMFKGSESPFDEDAPYQAGAWADEVVQGDNVRTIGDVFRNKRAQFYYALADRLYLTYRAVV
HGEYADPDDMLSFDKEAIGEKMLEKLFAELTQIQRKFNNNGKLELMTKVEMKQKLGIPSPNLADALMMCMHCPALVREET
EIYVPSSSGW
;
_entity_poly.pdbx_strand_id   A
#
loop_
_chem_comp.id
_chem_comp.type
_chem_comp.name
_chem_comp.formula
AGS non-polymer 'PHOSPHOTHIOPHOSPHORIC ACID-ADENYLATE ESTER' 'C10 H16 N5 O12 P3 S'
MG non-polymer 'MAGNESIUM ION' 'Mg 2'
#
# COMPACT_ATOMS: atom_id res chain seq x y z
N ILE A 24 -25.34 -12.26 -22.25
CA ILE A 24 -23.91 -12.11 -22.48
C ILE A 24 -23.54 -10.68 -22.90
N ASN A 25 -22.98 -9.92 -21.98
CA ASN A 25 -22.78 -8.49 -22.16
C ASN A 25 -21.93 -8.13 -23.38
N PRO A 26 -22.52 -7.39 -24.32
CA PRO A 26 -21.91 -7.03 -25.61
C PRO A 26 -20.56 -6.36 -25.46
N ILE A 27 -20.30 -5.81 -24.28
CA ILE A 27 -19.04 -5.15 -23.99
C ILE A 27 -17.85 -6.10 -24.15
N PHE A 28 -18.09 -7.39 -23.94
CA PHE A 28 -17.02 -8.39 -23.97
C PHE A 28 -16.81 -9.02 -25.34
N GLU A 29 -17.61 -8.60 -26.32
CA GLU A 29 -17.51 -9.09 -27.69
C GLU A 29 -16.08 -9.14 -28.26
N PRO A 30 -15.23 -8.14 -27.95
CA PRO A 30 -13.85 -8.17 -28.43
C PRO A 30 -13.03 -9.38 -27.96
N PHE A 31 -13.44 -10.02 -26.87
CA PHE A 31 -12.71 -11.18 -26.37
C PHE A 31 -12.95 -12.41 -27.23
N ILE A 32 -13.85 -12.30 -28.20
CA ILE A 32 -14.14 -13.41 -29.09
C ILE A 32 -13.10 -13.47 -30.21
N GLU A 33 -12.55 -12.32 -30.55
CA GLU A 33 -11.50 -12.22 -31.56
C GLU A 33 -10.16 -12.68 -30.99
N ALA A 34 -9.23 -13.06 -31.86
CA ALA A 34 -7.89 -13.49 -31.42
C ALA A 34 -7.05 -12.30 -30.94
N HIS A 35 -6.50 -12.43 -29.72
CA HIS A 35 -5.55 -11.45 -29.19
C HIS A 35 -4.67 -12.20 -28.20
N ARG A 36 -3.38 -11.88 -28.19
CA ARG A 36 -2.46 -12.52 -27.25
C ARG A 36 -2.89 -12.26 -25.80
N TYR A 37 -3.28 -11.03 -25.50
CA TYR A 37 -3.72 -10.64 -24.16
C TYR A 37 -5.13 -10.09 -24.16
N LYS A 38 -5.97 -10.62 -23.29
CA LYS A 38 -7.33 -10.15 -23.11
C LYS A 38 -7.47 -9.86 -21.63
N VAL A 39 -7.57 -8.58 -21.30
CA VAL A 39 -7.54 -8.15 -19.92
C VAL A 39 -8.79 -7.35 -19.59
N ALA A 40 -9.57 -7.84 -18.64
CA ALA A 40 -10.75 -7.12 -18.16
C ALA A 40 -10.49 -6.57 -16.77
N LYS A 41 -10.49 -5.24 -16.62
CA LYS A 41 -10.28 -4.65 -15.32
C LYS A 41 -11.53 -3.89 -14.92
N GLY A 42 -11.92 -4.02 -13.67
CA GLY A 42 -13.10 -3.31 -13.24
C GLY A 42 -13.39 -3.50 -11.76
N GLY A 43 -14.40 -2.79 -11.29
CA GLY A 43 -14.79 -2.87 -9.90
C GLY A 43 -15.65 -4.09 -9.64
N ARG A 44 -16.13 -4.18 -8.41
CA ARG A 44 -16.90 -5.30 -7.93
C ARG A 44 -18.23 -5.42 -8.67
N GLY A 45 -18.64 -6.65 -8.98
CA GLY A 45 -19.95 -6.92 -9.56
C GLY A 45 -20.11 -6.45 -10.99
N SER A 46 -18.99 -6.32 -11.70
CA SER A 46 -18.99 -5.75 -13.03
C SER A 46 -19.34 -6.77 -14.11
N GLY A 47 -19.40 -8.05 -13.73
CA GLY A 47 -19.76 -9.11 -14.66
C GLY A 47 -18.58 -9.72 -15.41
N LYS A 48 -17.36 -9.34 -15.06
CA LYS A 48 -16.23 -9.84 -15.85
C LYS A 48 -15.99 -11.34 -15.67
N SER A 49 -16.19 -11.86 -14.45
CA SER A 49 -16.00 -13.29 -14.21
C SER A 49 -17.04 -14.14 -14.94
N TRP A 50 -18.29 -13.72 -14.86
CA TRP A 50 -19.36 -14.48 -15.54
C TRP A 50 -19.19 -14.45 -17.06
N ALA A 51 -18.74 -13.30 -17.58
CA ALA A 51 -18.55 -13.14 -19.02
C ALA A 51 -17.43 -14.04 -19.52
N ILE A 52 -16.30 -14.02 -18.82
CA ILE A 52 -15.16 -14.83 -19.22
C ILE A 52 -15.45 -16.34 -19.09
N ALA A 53 -16.06 -16.75 -17.99
CA ALA A 53 -16.46 -18.15 -17.82
C ALA A 53 -17.37 -18.57 -18.96
N ARG A 54 -18.34 -17.73 -19.30
CA ARG A 54 -19.24 -18.03 -20.42
C ARG A 54 -18.49 -18.20 -21.74
N LEU A 55 -17.65 -17.23 -22.09
CA LEU A 55 -16.87 -17.34 -23.33
C LEU A 55 -15.97 -18.60 -23.37
N LEU A 56 -15.33 -18.92 -22.26
CA LEU A 56 -14.42 -20.08 -22.22
C LEU A 56 -15.21 -21.39 -22.34
N VAL A 57 -16.38 -21.43 -21.74
CA VAL A 57 -17.25 -22.60 -21.90
C VAL A 57 -17.67 -22.74 -23.37
N GLU A 58 -18.10 -21.64 -24.00
CA GLU A 58 -18.48 -21.73 -25.41
C GLU A 58 -17.29 -22.11 -26.31
N ALA A 59 -16.10 -21.65 -25.96
CA ALA A 59 -14.93 -22.02 -26.74
C ALA A 59 -14.65 -23.52 -26.60
N ALA A 60 -14.71 -24.03 -25.38
CA ALA A 60 -14.43 -25.44 -25.14
C ALA A 60 -15.44 -26.33 -25.84
N ARG A 61 -16.62 -25.81 -26.10
CA ARG A 61 -17.63 -26.61 -26.77
C ARG A 61 -17.31 -26.77 -28.24
N ARG A 62 -16.40 -25.96 -28.75
CA ARG A 62 -16.21 -25.85 -30.19
C ARG A 62 -14.77 -26.10 -30.67
N GLN A 63 -13.80 -25.97 -29.78
CA GLN A 63 -12.38 -26.19 -30.11
C GLN A 63 -11.78 -27.14 -29.10
N PRO A 64 -10.81 -27.96 -29.53
CA PRO A 64 -10.11 -28.87 -28.61
C PRO A 64 -9.03 -28.12 -27.82
N VAL A 65 -9.46 -27.13 -27.04
CA VAL A 65 -8.52 -26.28 -26.32
C VAL A 65 -8.16 -26.80 -24.94
N ARG A 66 -6.89 -26.65 -24.56
CA ARG A 66 -6.45 -26.90 -23.20
C ARG A 66 -6.41 -25.56 -22.47
N ILE A 67 -7.18 -25.45 -21.39
CA ILE A 67 -7.36 -24.18 -20.71
C ILE A 67 -6.84 -24.25 -19.29
N LEU A 68 -5.83 -23.44 -19.00
CA LEU A 68 -5.29 -23.39 -17.66
C LEU A 68 -5.95 -22.24 -16.93
N CYS A 69 -6.61 -22.55 -15.81
CA CYS A 69 -7.15 -21.53 -14.93
C CYS A 69 -6.19 -21.36 -13.76
N ALA A 70 -5.56 -20.20 -13.69
CA ALA A 70 -4.50 -19.97 -12.72
C ALA A 70 -4.86 -18.84 -11.78
N ARG A 71 -4.31 -18.90 -10.57
CA ARG A 71 -4.41 -17.79 -9.65
C ARG A 71 -3.16 -17.77 -8.78
N GLU A 72 -2.97 -16.69 -8.06
CA GLU A 72 -1.80 -16.56 -7.19
C GLU A 72 -1.74 -17.69 -6.16
N LEU A 73 -2.83 -17.88 -5.42
CA LEU A 73 -2.87 -18.88 -4.35
C LEU A 73 -4.14 -19.71 -4.44
N GLN A 74 -3.97 -21.02 -4.40
CA GLN A 74 -5.09 -21.94 -4.44
C GLN A 74 -4.89 -22.99 -3.37
N ASN A 75 -5.28 -22.67 -2.15
CA ASN A 75 -5.06 -23.59 -1.03
C ASN A 75 -5.98 -24.80 -1.09
N SER A 76 -7.13 -24.64 -1.73
CA SER A 76 -7.97 -25.79 -2.05
C SER A 76 -8.70 -25.52 -3.36
N ILE A 77 -9.20 -26.59 -3.97
CA ILE A 77 -9.84 -26.48 -5.28
C ILE A 77 -11.04 -25.51 -5.25
N SER A 78 -11.68 -25.39 -4.09
CA SER A 78 -12.81 -24.46 -3.95
C SER A 78 -12.43 -22.98 -4.14
N ASP A 79 -11.14 -22.68 -4.13
CA ASP A 79 -10.66 -21.31 -4.36
C ASP A 79 -10.56 -20.97 -5.85
N SER A 80 -10.68 -21.98 -6.71
CA SER A 80 -10.57 -21.76 -8.15
C SER A 80 -11.92 -21.43 -8.77
N VAL A 81 -11.93 -21.21 -10.08
CA VAL A 81 -13.16 -20.89 -10.79
C VAL A 81 -13.94 -22.14 -11.24
N ILE A 82 -13.55 -23.32 -10.79
CA ILE A 82 -14.21 -24.52 -11.30
C ILE A 82 -15.70 -24.50 -11.03
N ARG A 83 -16.10 -24.05 -9.84
CA ARG A 83 -17.53 -24.02 -9.51
C ARG A 83 -18.29 -23.04 -10.40
N LEU A 84 -17.70 -21.88 -10.63
CA LEU A 84 -18.27 -20.89 -11.54
C LEU A 84 -18.46 -21.50 -12.94
N LEU A 85 -17.46 -22.23 -13.42
CA LEU A 85 -17.58 -22.87 -14.73
C LEU A 85 -18.69 -23.93 -14.73
N GLU A 86 -18.73 -24.77 -13.71
CA GLU A 86 -19.83 -25.75 -13.58
C GLU A 86 -21.19 -25.07 -13.57
N ASP A 87 -21.32 -24.00 -12.78
CA ASP A 87 -22.58 -23.25 -12.74
C ASP A 87 -22.95 -22.68 -14.11
N THR A 88 -21.95 -22.19 -14.84
CA THR A 88 -22.20 -21.66 -16.18
C THR A 88 -22.73 -22.76 -17.10
N ILE A 89 -22.12 -23.93 -17.00
CA ILE A 89 -22.51 -25.06 -17.84
C ILE A 89 -23.95 -25.46 -17.52
N GLU A 90 -24.29 -25.53 -16.24
CA GLU A 90 -25.64 -25.95 -15.87
C GLU A 90 -26.66 -24.87 -16.26
N ARG A 91 -26.32 -23.61 -16.00
CA ARG A 91 -27.21 -22.50 -16.35
C ARG A 91 -27.64 -22.52 -17.81
N GLU A 92 -26.67 -22.72 -18.70
CA GLU A 92 -26.95 -22.69 -20.12
C GLU A 92 -27.54 -24.00 -20.62
N GLY A 93 -27.53 -25.03 -19.79
CA GLY A 93 -28.11 -26.32 -20.14
C GLY A 93 -27.18 -27.23 -20.92
N TYR A 94 -25.88 -27.07 -20.70
CA TYR A 94 -24.87 -27.81 -21.45
C TYR A 94 -24.38 -29.04 -20.71
N SER A 95 -24.99 -29.36 -19.57
CA SER A 95 -24.47 -30.41 -18.69
C SER A 95 -24.11 -31.73 -19.37
N ALA A 96 -24.96 -32.20 -20.28
CA ALA A 96 -24.79 -33.53 -20.87
C ALA A 96 -23.60 -33.59 -21.79
N GLU A 97 -23.01 -32.44 -22.11
CA GLU A 97 -21.86 -32.38 -23.01
C GLU A 97 -20.51 -32.52 -22.30
N PHE A 98 -20.52 -32.50 -20.97
CA PHE A 98 -19.29 -32.37 -20.21
C PHE A 98 -19.04 -33.51 -19.21
N GLU A 99 -17.77 -33.70 -18.89
CA GLU A 99 -17.33 -34.56 -17.80
C GLU A 99 -16.81 -33.65 -16.72
N ILE A 100 -17.32 -33.85 -15.50
CA ILE A 100 -16.92 -33.03 -14.37
C ILE A 100 -16.26 -33.92 -13.32
N GLN A 101 -15.06 -33.53 -12.91
CA GLN A 101 -14.33 -34.22 -11.85
C GLN A 101 -13.94 -33.19 -10.80
N ARG A 102 -13.31 -33.64 -9.73
CA ARG A 102 -12.97 -32.76 -8.63
C ARG A 102 -12.11 -31.57 -9.09
N SER A 103 -11.20 -31.81 -10.02
CA SER A 103 -10.27 -30.77 -10.44
C SER A 103 -10.11 -30.69 -11.94
N MET A 104 -11.11 -31.17 -12.68
CA MET A 104 -11.08 -31.07 -14.14
C MET A 104 -12.48 -30.93 -14.72
N ILE A 105 -12.57 -30.20 -15.82
CA ILE A 105 -13.77 -30.20 -16.67
C ILE A 105 -13.36 -30.54 -18.09
N ARG A 106 -14.08 -31.44 -18.75
CA ARG A 106 -13.72 -31.86 -20.10
C ARG A 106 -14.94 -31.91 -20.99
N HIS A 107 -14.83 -31.38 -22.21
CA HIS A 107 -15.92 -31.49 -23.18
C HIS A 107 -15.86 -32.82 -23.89
N LEU A 108 -16.98 -33.52 -23.92
CA LEU A 108 -17.04 -34.88 -24.47
C LEU A 108 -16.96 -34.94 -25.98
N GLY A 109 -17.13 -33.79 -26.63
CA GLY A 109 -17.13 -33.74 -28.08
C GLY A 109 -15.79 -33.30 -28.62
N THR A 110 -15.27 -32.18 -28.09
CA THR A 110 -13.99 -31.65 -28.55
C THR A 110 -12.79 -32.17 -27.77
N ASN A 111 -13.04 -32.74 -26.59
CA ASN A 111 -11.96 -33.12 -25.68
C ASN A 111 -11.23 -31.92 -25.06
N ALA A 112 -11.79 -30.72 -25.24
CA ALA A 112 -11.29 -29.54 -24.54
C ALA A 112 -11.23 -29.84 -23.04
N GLU A 113 -10.24 -29.30 -22.34
CA GLU A 113 -10.04 -29.62 -20.93
C GLU A 113 -9.67 -28.39 -20.13
N PHE A 114 -10.31 -28.23 -18.97
CA PHE A 114 -9.91 -27.18 -18.02
C PHE A 114 -9.09 -27.78 -16.88
N MET A 115 -8.03 -27.09 -16.51
CA MET A 115 -7.26 -27.46 -15.32
C MET A 115 -7.06 -26.23 -14.43
N PHE A 116 -6.73 -26.47 -13.16
CA PHE A 116 -6.79 -25.44 -12.13
C PHE A 116 -5.59 -25.50 -11.20
N TYR A 117 -4.76 -24.47 -11.24
CA TYR A 117 -3.56 -24.44 -10.39
C TYR A 117 -3.29 -23.08 -9.77
N GLY A 118 -2.76 -23.10 -8.56
CA GLY A 118 -2.27 -21.90 -7.92
C GLY A 118 -0.80 -21.76 -8.25
N ILE A 119 -0.37 -20.55 -8.58
CA ILE A 119 1.00 -20.32 -9.03
C ILE A 119 1.99 -20.43 -7.87
N LYS A 120 1.62 -19.86 -6.73
CA LYS A 120 2.47 -19.92 -5.55
C LYS A 120 2.56 -21.35 -5.01
N ASN A 121 1.49 -22.13 -5.17
CA ASN A 121 1.41 -23.50 -4.66
C ASN A 121 2.20 -24.51 -5.49
N ASN A 122 2.08 -24.41 -6.80
CA ASN A 122 2.61 -25.42 -7.71
C ASN A 122 3.41 -24.81 -8.87
N PRO A 123 4.45 -24.04 -8.55
CA PRO A 123 5.20 -23.38 -9.64
C PRO A 123 5.82 -24.40 -10.59
N THR A 124 6.35 -25.48 -10.05
CA THR A 124 7.02 -26.51 -10.84
C THR A 124 6.05 -27.20 -11.78
N LYS A 125 4.86 -27.52 -11.29
CA LYS A 125 3.86 -28.19 -12.11
C LYS A 125 3.49 -27.29 -13.29
N ILE A 126 3.32 -26.01 -13.00
CA ILE A 126 2.94 -25.04 -14.02
C ILE A 126 3.98 -24.97 -15.13
N LYS A 127 5.26 -24.86 -14.76
CA LYS A 127 6.34 -24.83 -15.75
C LYS A 127 6.34 -26.03 -16.68
N SER A 128 5.84 -27.16 -16.19
CA SER A 128 5.88 -28.42 -16.93
C SER A 128 4.65 -28.68 -17.78
N LEU A 129 3.61 -27.87 -17.59
CA LEU A 129 2.39 -28.02 -18.40
C LEU A 129 2.69 -27.81 -19.88
N GLU A 130 2.14 -28.68 -20.73
CA GLU A 130 2.36 -28.55 -22.17
C GLU A 130 1.06 -28.33 -22.95
N GLY A 131 1.16 -27.65 -24.09
CA GLY A 131 0.02 -27.54 -24.99
C GLY A 131 -1.10 -26.62 -24.54
N ILE A 132 -0.84 -25.72 -23.59
CA ILE A 132 -1.87 -24.78 -23.15
C ILE A 132 -2.23 -23.77 -24.26
N ASP A 133 -3.52 -23.65 -24.54
CA ASP A 133 -4.02 -22.73 -25.57
C ASP A 133 -4.52 -21.45 -24.96
N ILE A 134 -5.15 -21.56 -23.79
CA ILE A 134 -5.66 -20.39 -23.09
C ILE A 134 -5.30 -20.47 -21.61
N CYS A 135 -4.79 -19.37 -21.07
CA CYS A 135 -4.60 -19.28 -19.63
C CYS A 135 -5.48 -18.17 -19.09
N TRP A 136 -6.40 -18.50 -18.19
CA TRP A 136 -7.20 -17.49 -17.52
C TRP A 136 -6.67 -17.26 -16.12
N VAL A 137 -6.16 -16.06 -15.87
CA VAL A 137 -5.70 -15.69 -14.54
C VAL A 137 -6.80 -14.86 -13.89
N GLU A 138 -7.38 -15.40 -12.83
CA GLU A 138 -8.52 -14.77 -12.16
C GLU A 138 -8.04 -14.10 -10.88
N GLU A 139 -8.76 -13.09 -10.43
CA GLU A 139 -8.33 -12.33 -9.26
C GLU A 139 -6.88 -11.89 -9.43
N ALA A 140 -6.55 -11.42 -10.64
CA ALA A 140 -5.14 -11.18 -11.00
C ALA A 140 -4.46 -10.07 -10.21
N GLU A 141 -5.24 -9.28 -9.47
CA GLU A 141 -4.63 -8.25 -8.63
C GLU A 141 -3.75 -8.86 -7.55
N ALA A 142 -3.96 -10.14 -7.24
CA ALA A 142 -3.16 -10.81 -6.21
C ALA A 142 -1.86 -11.39 -6.78
N VAL A 143 -1.75 -11.40 -8.10
CA VAL A 143 -0.63 -12.08 -8.76
C VAL A 143 0.63 -11.22 -8.73
N THR A 144 1.69 -11.75 -8.12
CA THR A 144 2.94 -11.01 -7.92
C THR A 144 3.80 -11.03 -9.19
N LYS A 145 4.80 -10.16 -9.24
CA LYS A 145 5.68 -10.13 -10.38
C LYS A 145 6.36 -11.48 -10.57
N GLU A 146 6.75 -12.11 -9.46
CA GLU A 146 7.42 -13.41 -9.53
C GLU A 146 6.52 -14.47 -10.12
N SER A 147 5.23 -14.41 -9.81
CA SER A 147 4.28 -15.35 -10.39
C SER A 147 4.08 -15.14 -11.89
N TRP A 148 3.93 -13.88 -12.30
CA TRP A 148 3.84 -13.57 -13.72
C TRP A 148 5.07 -14.08 -14.47
N ASP A 149 6.24 -13.89 -13.86
CA ASP A 149 7.49 -14.26 -14.50
C ASP A 149 7.60 -15.77 -14.66
N ILE A 150 6.93 -16.52 -13.80
CA ILE A 150 6.88 -17.97 -13.93
C ILE A 150 5.85 -18.39 -14.97
N LEU A 151 4.69 -17.75 -14.92
CA LEU A 151 3.54 -18.19 -15.70
C LEU A 151 3.64 -17.84 -17.19
N ILE A 152 3.98 -16.59 -17.49
CA ILE A 152 3.91 -16.12 -18.86
C ILE A 152 4.75 -16.90 -19.88
N PRO A 153 6.01 -17.23 -19.54
CA PRO A 153 6.87 -18.00 -20.43
C PRO A 153 6.36 -19.42 -20.73
N THR A 154 5.49 -19.95 -19.87
CA THR A 154 4.96 -21.29 -20.09
C THR A 154 3.85 -21.29 -21.13
N ILE A 155 3.17 -20.17 -21.30
CA ILE A 155 2.11 -20.10 -22.32
C ILE A 155 2.75 -19.70 -23.66
N ARG A 156 3.35 -20.68 -24.33
CA ARG A 156 4.25 -20.37 -25.43
C ARG A 156 3.85 -21.02 -26.75
N LYS A 157 2.72 -21.71 -26.75
CA LYS A 157 2.18 -22.25 -27.98
C LYS A 157 1.89 -21.08 -28.93
N PRO A 158 2.19 -21.27 -30.23
CA PRO A 158 1.75 -20.23 -31.17
C PRO A 158 0.23 -20.06 -31.05
N PHE A 159 -0.19 -18.80 -31.06
CA PHE A 159 -1.59 -18.41 -31.02
C PHE A 159 -2.28 -18.63 -29.69
N SER A 160 -1.51 -19.05 -28.69
CA SER A 160 -2.07 -19.17 -27.34
C SER A 160 -2.38 -17.78 -26.77
N GLU A 161 -3.32 -17.74 -25.83
CA GLU A 161 -3.77 -16.46 -25.28
C GLU A 161 -3.75 -16.43 -23.75
N ILE A 162 -3.54 -15.26 -23.18
CA ILE A 162 -3.58 -15.06 -21.74
C ILE A 162 -4.72 -14.11 -21.40
N TRP A 163 -5.72 -14.62 -20.68
CA TRP A 163 -6.88 -13.83 -20.31
C TRP A 163 -6.75 -13.47 -18.83
N VAL A 164 -7.03 -12.22 -18.49
CA VAL A 164 -6.78 -11.73 -17.15
C VAL A 164 -8.00 -10.96 -16.69
N SER A 165 -8.50 -11.27 -15.50
CA SER A 165 -9.53 -10.43 -14.89
C SER A 165 -9.03 -9.95 -13.53
N PHE A 166 -9.14 -8.65 -13.27
CA PHE A 166 -8.75 -8.15 -11.96
C PHE A 166 -9.47 -6.88 -11.53
N ASN A 167 -9.49 -6.67 -10.23
CA ASN A 167 -9.98 -5.43 -9.63
C ASN A 167 -8.75 -4.66 -9.18
N PRO A 168 -8.47 -3.53 -9.83
CA PRO A 168 -7.22 -2.83 -9.51
C PRO A 168 -7.06 -2.55 -8.02
N LYS A 169 -5.85 -2.74 -7.52
CA LYS A 169 -5.52 -2.41 -6.15
C LYS A 169 -4.70 -1.14 -6.15
N ASN A 170 -3.39 -1.26 -6.22
CA ASN A 170 -2.54 -0.08 -6.30
C ASN A 170 -2.00 0.06 -7.71
N ILE A 171 -1.83 1.29 -8.15
CA ILE A 171 -1.37 1.53 -9.50
C ILE A 171 0.05 1.02 -9.71
N LEU A 172 0.80 0.90 -8.60
CA LEU A 172 2.19 0.46 -8.69
C LEU A 172 2.36 -1.07 -8.57
N ASP A 173 1.27 -1.78 -8.28
CA ASP A 173 1.31 -3.23 -8.27
C ASP A 173 1.62 -3.77 -9.66
N ASP A 174 2.36 -4.87 -9.70
CA ASP A 174 2.84 -5.40 -10.97
C ASP A 174 1.75 -5.61 -12.01
N THR A 175 0.62 -6.20 -11.60
CA THR A 175 -0.43 -6.51 -12.56
C THR A 175 -0.90 -5.26 -13.29
N TYR A 176 -1.07 -4.17 -12.55
CA TYR A 176 -1.49 -2.90 -13.13
C TYR A 176 -0.40 -2.31 -14.03
N GLN A 177 0.85 -2.32 -13.57
CA GLN A 177 1.98 -1.82 -14.35
C GLN A 177 2.15 -2.59 -15.66
N ARG A 178 1.94 -3.90 -15.57
CA ARG A 178 2.20 -4.84 -16.66
C ARG A 178 1.19 -4.74 -17.79
N PHE A 179 -0.08 -4.52 -17.46
CA PHE A 179 -1.14 -4.52 -18.47
C PHE A 179 -1.76 -3.15 -18.75
N VAL A 180 -1.53 -2.17 -17.90
CA VAL A 180 -2.13 -0.86 -18.11
C VAL A 180 -1.09 0.22 -18.39
N VAL A 181 -0.09 0.33 -17.52
CA VAL A 181 0.85 1.44 -17.61
C VAL A 181 1.90 1.17 -18.69
N ASN A 182 2.45 -0.04 -18.71
CA ASN A 182 3.46 -0.44 -19.68
C ASN A 182 3.01 -1.71 -20.39
N PRO A 183 1.95 -1.60 -21.21
CA PRO A 183 1.29 -2.80 -21.72
C PRO A 183 2.10 -3.50 -22.81
N PRO A 184 1.90 -4.81 -22.96
CA PRO A 184 2.52 -5.61 -24.01
C PRO A 184 1.88 -5.35 -25.37
N ASP A 185 2.50 -5.85 -26.43
CA ASP A 185 1.92 -5.81 -27.77
C ASP A 185 0.66 -6.68 -27.82
N ASP A 186 -0.31 -6.28 -28.63
CA ASP A 186 -1.53 -7.06 -28.88
C ASP A 186 -2.33 -7.36 -27.62
N ILE A 187 -2.69 -6.31 -26.90
CA ILE A 187 -3.56 -6.46 -25.74
C ILE A 187 -4.94 -5.88 -26.05
N CYS A 188 -5.96 -6.60 -25.63
CA CYS A 188 -7.32 -6.10 -25.69
C CYS A 188 -7.70 -5.82 -24.25
N LEU A 189 -7.68 -4.54 -23.87
CA LEU A 189 -7.99 -4.14 -22.51
C LEU A 189 -9.40 -3.56 -22.41
N LEU A 190 -10.24 -4.18 -21.59
CA LEU A 190 -11.59 -3.66 -21.33
C LEU A 190 -11.68 -3.15 -19.90
N THR A 191 -12.33 -2.01 -19.73
CA THR A 191 -12.55 -1.44 -18.41
C THR A 191 -14.04 -1.40 -18.19
N VAL A 192 -14.50 -2.06 -17.14
CA VAL A 192 -15.93 -2.15 -16.87
C VAL A 192 -16.25 -1.82 -15.42
N ASN A 193 -17.50 -1.49 -15.17
CA ASN A 193 -17.99 -1.39 -13.80
C ASN A 193 -19.42 -1.89 -13.75
N TYR A 194 -20.03 -1.80 -12.57
CA TYR A 194 -21.37 -2.35 -12.41
C TYR A 194 -22.38 -1.73 -13.36
N THR A 195 -22.12 -0.51 -13.83
CA THR A 195 -23.04 0.13 -14.78
C THR A 195 -23.00 -0.56 -16.15
N ASP A 196 -22.00 -1.41 -16.36
CA ASP A 196 -21.88 -2.15 -17.62
C ASP A 196 -22.49 -3.55 -17.52
N ASN A 197 -23.09 -3.84 -16.37
CA ASN A 197 -23.65 -5.15 -16.09
C ASN A 197 -25.16 -5.05 -16.05
N PRO A 198 -25.82 -5.40 -17.16
CA PRO A 198 -27.28 -5.34 -17.24
C PRO A 198 -27.96 -6.33 -16.29
N HIS A 199 -27.21 -7.27 -15.74
CA HIS A 199 -27.78 -8.22 -14.77
C HIS A 199 -27.27 -7.96 -13.35
N PHE A 200 -26.83 -6.73 -13.08
CA PHE A 200 -26.34 -6.36 -11.75
C PHE A 200 -27.44 -6.69 -10.73
N PRO A 201 -27.16 -7.62 -9.81
CA PRO A 201 -28.20 -8.10 -8.90
C PRO A 201 -28.46 -7.17 -7.72
N GLU A 202 -29.68 -7.19 -7.20
CA GLU A 202 -30.10 -6.30 -6.13
C GLU A 202 -29.18 -6.40 -4.91
N VAL A 203 -28.78 -7.62 -4.57
CA VAL A 203 -27.94 -7.84 -3.39
C VAL A 203 -26.63 -7.04 -3.48
N LEU A 204 -26.06 -6.96 -4.69
CA LEU A 204 -24.84 -6.20 -4.87
C LEU A 204 -25.14 -4.71 -4.96
N ARG A 205 -26.27 -4.37 -5.57
CA ARG A 205 -26.67 -2.96 -5.68
C ARG A 205 -26.83 -2.32 -4.31
N LEU A 206 -27.44 -3.06 -3.38
CA LEU A 206 -27.58 -2.63 -2.00
C LEU A 206 -26.22 -2.38 -1.34
N GLU A 207 -25.28 -3.32 -1.47
CA GLU A 207 -23.94 -3.13 -0.91
C GLU A 207 -23.31 -1.88 -1.49
N MET A 208 -23.44 -1.74 -2.82
CA MET A 208 -22.82 -0.63 -3.55
C MET A 208 -23.35 0.73 -3.11
N GLU A 209 -24.67 0.89 -3.10
CA GLU A 209 -25.26 2.16 -2.66
C GLU A 209 -24.96 2.45 -1.20
N GLU A 210 -24.92 1.41 -0.38
CA GLU A 210 -24.59 1.57 1.03
C GLU A 210 -23.18 2.14 1.16
N CYS A 211 -22.26 1.58 0.38
CA CYS A 211 -20.86 2.00 0.42
C CYS A 211 -20.69 3.39 -0.16
N LYS A 212 -21.40 3.67 -1.25
CA LYS A 212 -21.27 4.96 -1.90
C LYS A 212 -21.59 6.08 -0.91
N ARG A 213 -22.56 5.83 -0.04
CA ARG A 213 -22.98 6.84 0.92
C ARG A 213 -22.04 6.93 2.12
N ARG A 214 -21.55 5.78 2.59
CA ARG A 214 -20.76 5.73 3.82
C ARG A 214 -19.31 6.19 3.64
N ASN A 215 -18.71 5.84 2.50
CA ASN A 215 -17.31 6.13 2.20
C ASN A 215 -17.12 6.28 0.69
N PRO A 216 -17.36 7.49 0.16
CA PRO A 216 -17.31 7.71 -1.29
C PRO A 216 -15.96 7.34 -1.87
N THR A 217 -14.87 7.64 -1.17
CA THR A 217 -13.55 7.30 -1.68
C THR A 217 -13.39 5.79 -1.80
N LEU A 218 -13.79 5.06 -0.77
CA LEU A 218 -13.70 3.61 -0.81
C LEU A 218 -14.59 3.06 -1.91
N TYR A 219 -15.76 3.68 -2.09
CA TYR A 219 -16.68 3.26 -3.16
C TYR A 219 -16.02 3.36 -4.54
N ARG A 220 -15.31 4.44 -4.80
CA ARG A 220 -14.64 4.62 -6.08
C ARG A 220 -13.60 3.53 -6.34
N HIS A 221 -12.91 3.10 -5.29
CA HIS A 221 -11.90 2.06 -5.40
C HIS A 221 -12.57 0.70 -5.60
N ILE A 222 -13.54 0.39 -4.74
CA ILE A 222 -14.14 -0.93 -4.76
C ILE A 222 -15.13 -1.11 -5.92
N TRP A 223 -16.03 -0.14 -6.07
CA TRP A 223 -17.11 -0.25 -7.06
C TRP A 223 -16.82 0.37 -8.41
N LEU A 224 -15.99 1.41 -8.47
CA LEU A 224 -15.64 1.99 -9.78
C LEU A 224 -14.31 1.46 -10.31
N GLY A 225 -13.62 0.70 -9.46
CA GLY A 225 -12.39 0.04 -9.84
C GLY A 225 -11.19 0.97 -10.00
N GLU A 226 -11.25 2.15 -9.39
CA GLU A 226 -10.11 3.07 -9.46
C GLU A 226 -9.03 2.61 -8.50
N PRO A 227 -7.80 2.44 -9.02
CA PRO A 227 -6.69 1.95 -8.20
C PRO A 227 -6.27 3.01 -7.19
N VAL A 228 -5.64 2.59 -6.10
CA VAL A 228 -5.02 3.57 -5.21
C VAL A 228 -3.84 4.14 -5.95
N SER A 229 -3.69 5.46 -5.94
CA SER A 229 -2.53 6.08 -6.57
C SER A 229 -2.16 7.34 -5.83
N ALA A 230 -0.99 7.88 -6.12
CA ALA A 230 -0.53 9.08 -5.45
C ALA A 230 -1.30 10.31 -5.94
N SER A 231 -1.84 11.07 -5.01
CA SER A 231 -2.35 12.40 -5.29
C SER A 231 -1.24 13.23 -5.91
N ASP A 232 -1.58 14.11 -6.85
CA ASP A 232 -0.60 15.05 -7.38
C ASP A 232 -0.15 16.03 -6.30
N MET A 233 -0.83 16.02 -5.15
CA MET A 233 -0.44 16.85 -3.99
C MET A 233 0.37 16.06 -2.96
N ALA A 234 0.62 14.77 -3.20
CA ALA A 234 1.40 13.95 -2.24
C ALA A 234 2.83 14.45 -2.11
N ILE A 235 3.40 14.29 -0.93
CA ILE A 235 4.75 14.81 -0.69
C ILE A 235 5.82 13.74 -0.64
N ILE A 236 5.41 12.48 -0.48
CA ILE A 236 6.38 11.39 -0.39
C ILE A 236 5.99 10.28 -1.34
N LYS A 237 6.90 9.91 -2.24
CA LYS A 237 6.60 8.90 -3.25
C LYS A 237 6.99 7.49 -2.81
N ARG A 238 6.15 6.53 -3.18
CA ARG A 238 6.41 5.13 -2.88
C ARG A 238 7.80 4.70 -3.33
N GLU A 239 8.21 5.13 -4.53
CA GLU A 239 9.52 4.70 -5.02
C GLU A 239 10.67 5.20 -4.16
N TRP A 240 10.49 6.35 -3.49
CA TRP A 240 11.54 6.81 -2.56
C TRP A 240 11.63 5.86 -1.37
N LEU A 241 10.47 5.42 -0.88
CA LEU A 241 10.42 4.54 0.28
C LEU A 241 11.04 3.19 -0.03
N GLU A 242 10.82 2.69 -1.23
CA GLU A 242 11.42 1.40 -1.63
C GLU A 242 12.94 1.51 -1.68
N ALA A 243 13.44 2.60 -2.27
CA ALA A 243 14.89 2.83 -2.30
C ALA A 243 15.46 3.00 -0.89
N ALA A 244 14.74 3.71 -0.02
CA ALA A 244 15.22 3.95 1.34
C ALA A 244 15.17 2.71 2.22
N THR A 245 14.43 1.69 1.79
CA THR A 245 14.42 0.43 2.54
C THR A 245 15.80 -0.21 2.48
N ASP A 246 16.44 -0.38 3.64
CA ASP A 246 17.80 -0.89 3.71
C ASP A 246 18.81 -0.08 2.89
N ALA A 247 18.58 1.22 2.75
CA ALA A 247 19.53 2.04 1.99
C ALA A 247 20.91 2.04 2.65
N HIS A 248 20.95 1.90 3.97
CA HIS A 248 22.24 1.90 4.65
C HIS A 248 23.06 0.66 4.32
N LYS A 249 22.36 -0.46 4.09
CA LYS A 249 23.03 -1.67 3.59
C LYS A 249 23.41 -1.53 2.12
N LYS A 250 22.51 -0.95 1.32
CA LYS A 250 22.76 -0.77 -0.11
C LYS A 250 23.98 0.12 -0.32
N LEU A 251 24.11 1.17 0.48
CA LEU A 251 25.13 2.18 0.28
C LEU A 251 26.34 2.02 1.20
N GLY A 252 26.23 1.08 2.14
CA GLY A 252 27.34 0.75 3.01
C GLY A 252 27.70 1.76 4.09
N TRP A 253 26.69 2.21 4.84
CA TRP A 253 26.96 2.98 6.05
C TRP A 253 26.15 2.42 7.20
N LYS A 254 26.45 2.84 8.41
CA LYS A 254 25.72 2.33 9.56
C LYS A 254 25.20 3.47 10.42
N ALA A 255 24.29 3.14 11.33
CA ALA A 255 23.62 4.16 12.11
C ALA A 255 24.58 4.81 13.09
N LYS A 256 24.57 6.14 13.11
CA LYS A 256 25.32 6.91 14.10
C LYS A 256 24.46 8.10 14.51
N GLY A 257 24.37 8.34 15.81
CA GLY A 257 23.67 9.50 16.30
C GLY A 257 22.88 9.13 17.54
N ALA A 258 22.00 10.02 17.97
CA ALA A 258 21.14 9.73 19.11
C ALA A 258 20.00 8.84 18.66
N VAL A 259 19.37 8.17 19.62
CA VAL A 259 18.15 7.43 19.31
C VAL A 259 17.00 8.37 19.62
N VAL A 260 16.10 8.54 18.65
CA VAL A 260 14.95 9.41 18.85
C VAL A 260 13.69 8.58 18.70
N SER A 261 12.75 8.73 19.63
CA SER A 261 11.48 8.00 19.60
C SER A 261 10.32 8.98 19.69
N ALA A 262 9.19 8.64 19.09
CA ALA A 262 8.02 9.50 19.15
C ALA A 262 6.73 8.68 19.17
N HIS A 263 5.72 9.25 19.83
CA HIS A 263 4.44 8.57 20.07
C HIS A 263 3.29 9.41 19.55
N ASP A 264 2.41 8.80 18.77
CA ASP A 264 1.16 9.47 18.40
C ASP A 264 0.03 8.79 19.15
N PRO A 265 -0.58 9.51 20.12
CA PRO A 265 -1.60 8.93 21.00
C PRO A 265 -2.97 8.84 20.34
N SER A 266 -3.06 9.27 19.08
CA SER A 266 -4.29 9.06 18.31
C SER A 266 -5.42 9.84 18.96
N ASP A 267 -6.57 9.22 19.11
CA ASP A 267 -7.68 9.89 19.79
C ASP A 267 -8.57 8.89 20.54
N THR A 268 -9.82 9.25 20.79
CA THR A 268 -10.73 8.35 21.50
C THR A 268 -11.36 7.32 20.56
N GLY A 269 -11.09 7.47 19.26
CA GLY A 269 -11.64 6.58 18.25
C GLY A 269 -10.92 5.24 18.17
N PRO A 270 -11.25 4.46 17.14
CA PRO A 270 -10.70 3.12 16.92
C PRO A 270 -9.24 3.10 16.45
N ASP A 271 -8.79 4.18 15.81
CA ASP A 271 -7.45 4.22 15.18
C ASP A 271 -6.30 3.88 16.11
N ALA A 272 -5.38 3.07 15.61
CA ALA A 272 -4.27 2.59 16.42
C ALA A 272 -3.34 3.74 16.79
N LYS A 273 -2.77 3.66 17.98
CA LYS A 273 -1.72 4.60 18.38
C LYS A 273 -0.46 4.27 17.62
N GLY A 274 0.47 5.23 17.55
CA GLY A 274 1.67 5.04 16.76
C GLY A 274 2.93 5.26 17.57
N TYR A 275 3.99 4.56 17.18
CA TYR A 275 5.31 4.73 17.77
C TYR A 275 6.34 4.52 16.68
N ALA A 276 7.37 5.37 16.66
CA ALA A 276 8.48 5.23 15.72
C ALA A 276 9.78 5.49 16.45
N SER A 277 10.84 4.78 16.07
CA SER A 277 12.13 5.06 16.68
C SER A 277 13.24 4.91 15.66
N ARG A 278 14.22 5.82 15.72
CA ARG A 278 15.39 5.72 14.85
C ARG A 278 16.68 5.90 15.64
N HIS A 279 17.74 5.32 15.10
CA HIS A 279 19.10 5.54 15.60
C HIS A 279 19.79 6.36 14.51
N GLY A 280 19.97 7.65 14.74
CA GLY A 280 20.47 8.52 13.68
C GLY A 280 19.58 8.41 12.44
N SER A 281 20.20 8.15 11.28
CA SER A 281 19.48 8.11 10.01
CA SER A 281 19.42 8.13 10.05
C SER A 281 18.87 6.75 9.69
N VAL A 282 18.90 5.82 10.65
CA VAL A 282 18.33 4.49 10.42
C VAL A 282 17.09 4.25 11.30
N VAL A 283 15.92 4.10 10.67
CA VAL A 283 14.69 3.82 11.41
C VAL A 283 14.73 2.35 11.88
N LYS A 284 14.39 2.08 13.14
CA LYS A 284 14.58 0.74 13.73
CA LYS A 284 14.54 0.71 13.63
C LYS A 284 13.29 0.09 14.25
N ARG A 285 12.29 0.91 14.53
CA ARG A 285 11.02 0.35 15.04
C ARG A 285 9.83 1.18 14.61
N ILE A 286 8.78 0.50 14.16
CA ILE A 286 7.51 1.12 13.84
C ILE A 286 6.46 0.24 14.49
N ALA A 287 5.72 0.76 15.46
CA ALA A 287 4.78 -0.06 16.24
C ALA A 287 3.39 0.57 16.36
N GLU A 288 2.36 -0.29 16.44
CA GLU A 288 0.99 0.17 16.54
C GLU A 288 0.42 -0.22 17.92
N GLY A 289 -0.39 0.66 18.51
CA GLY A 289 -0.96 0.39 19.81
C GLY A 289 -2.47 0.27 19.73
N LEU A 290 -2.99 -0.94 19.93
CA LEU A 290 -4.42 -1.17 19.79
C LEU A 290 -5.12 -1.37 21.14
N LEU A 291 -6.37 -0.90 21.23
CA LEU A 291 -7.21 -1.13 22.40
C LEU A 291 -6.54 -0.60 23.66
N MET A 292 -6.05 0.63 23.58
CA MET A 292 -5.43 1.32 24.71
C MET A 292 -6.09 2.66 24.99
N ASP A 293 -6.23 3.01 26.26
CA ASP A 293 -6.60 4.36 26.63
C ASP A 293 -5.37 5.25 26.64
N ILE A 294 -5.53 6.52 26.99
CA ILE A 294 -4.43 7.47 26.80
C ILE A 294 -3.24 7.07 27.68
N ASN A 295 -3.54 6.65 28.91
CA ASN A 295 -2.49 6.28 29.86
C ASN A 295 -1.81 4.97 29.52
N GLU A 296 -2.58 3.98 29.07
CA GLU A 296 -2.00 2.72 28.62
C GLU A 296 -1.09 2.99 27.44
N GLY A 297 -1.54 3.88 26.55
CA GLY A 297 -0.76 4.17 25.35
C GLY A 297 0.55 4.86 25.71
N ALA A 298 0.51 5.77 26.67
CA ALA A 298 1.72 6.48 27.07
C ALA A 298 2.68 5.50 27.76
N ASP A 299 2.12 4.59 28.55
CA ASP A 299 2.94 3.58 29.22
C ASP A 299 3.62 2.69 28.19
N TRP A 300 2.85 2.27 27.19
CA TRP A 300 3.36 1.43 26.10
C TRP A 300 4.51 2.12 25.33
N ALA A 301 4.27 3.35 24.94
CA ALA A 301 5.24 4.11 24.15
C ALA A 301 6.50 4.49 24.92
N THR A 302 6.34 4.95 26.17
CA THR A 302 7.53 5.26 26.97
C THR A 302 8.34 4.01 27.29
N SER A 303 7.68 2.87 27.53
CA SER A 303 8.40 1.62 27.70
C SER A 303 9.18 1.22 26.46
N LEU A 304 8.59 1.42 25.28
CA LEU A 304 9.30 1.12 24.05
C LEU A 304 10.50 2.05 23.94
N ALA A 305 10.31 3.33 24.26
CA ALA A 305 11.42 4.28 24.18
C ALA A 305 12.55 3.83 25.08
N ILE A 306 12.22 3.39 26.29
CA ILE A 306 13.26 2.90 27.19
C ILE A 306 13.94 1.64 26.61
N GLU A 307 13.16 0.71 26.10
CA GLU A 307 13.71 -0.50 25.53
C GLU A 307 14.63 -0.19 24.33
N ASP A 308 14.28 0.85 23.58
CA ASP A 308 15.03 1.27 22.39
C ASP A 308 16.26 2.12 22.73
N GLY A 309 16.44 2.42 24.01
CA GLY A 309 17.58 3.21 24.45
C GLY A 309 17.50 4.65 23.99
N ALA A 310 16.28 5.18 23.93
CA ALA A 310 16.03 6.52 23.42
C ALA A 310 16.79 7.58 24.21
N ASP A 311 17.37 8.53 23.49
CA ASP A 311 17.93 9.74 24.10
C ASP A 311 16.90 10.86 24.11
N HIS A 312 15.97 10.81 23.18
CA HIS A 312 14.98 11.87 23.00
C HIS A 312 13.62 11.23 22.72
N TYR A 313 12.56 11.77 23.33
CA TYR A 313 11.22 11.24 23.13
C TYR A 313 10.31 12.42 22.85
N LEU A 314 9.46 12.29 21.84
CA LEU A 314 8.44 13.30 21.58
C LEU A 314 7.07 12.64 21.54
N TRP A 315 6.01 13.40 21.82
CA TRP A 315 4.66 12.88 21.61
C TRP A 315 3.73 14.01 21.17
N ASP A 316 2.67 13.65 20.47
CA ASP A 316 1.74 14.65 19.94
C ASP A 316 0.89 15.21 21.08
N GLY A 317 1.06 16.50 21.37
CA GLY A 317 0.28 17.14 22.41
C GLY A 317 -0.91 17.98 21.94
N ASP A 318 -1.22 17.94 20.64
CA ASP A 318 -2.27 18.80 20.08
C ASP A 318 -3.68 18.33 20.43
N GLY A 319 -3.82 17.05 20.76
CA GLY A 319 -5.14 16.53 21.06
C GLY A 319 -5.24 15.86 22.41
N VAL A 320 -5.58 14.58 22.41
CA VAL A 320 -5.78 13.86 23.66
C VAL A 320 -4.47 13.71 24.44
N GLY A 321 -3.35 14.05 23.79
CA GLY A 321 -2.04 13.94 24.42
C GLY A 321 -1.61 15.15 25.23
N ALA A 322 -2.43 16.20 25.24
CA ALA A 322 -2.04 17.46 25.87
C ALA A 322 -1.75 17.32 27.36
N GLY A 323 -2.28 16.27 27.99
CA GLY A 323 -2.11 16.09 29.42
C GLY A 323 -1.11 15.03 29.84
N LEU A 324 -0.32 14.52 28.90
CA LEU A 324 0.57 13.38 29.18
C LEU A 324 1.93 13.76 29.75
N ARG A 325 2.19 15.04 29.95
CA ARG A 325 3.55 15.45 30.32
C ARG A 325 4.01 14.80 31.63
N ARG A 326 3.15 14.81 32.64
CA ARG A 326 3.54 14.29 33.95
C ARG A 326 3.80 12.78 33.91
N GLN A 327 2.91 12.03 33.27
CA GLN A 327 3.11 10.59 33.18
C GLN A 327 4.37 10.28 32.36
N THR A 328 4.61 11.08 31.34
CA THR A 328 5.74 10.86 30.46
C THR A 328 7.06 11.09 31.22
N THR A 329 7.20 12.25 31.87
CA THR A 329 8.43 12.55 32.58
C THR A 329 8.64 11.59 33.75
N GLU A 330 7.54 11.17 34.38
CA GLU A 330 7.63 10.18 35.46
C GLU A 330 8.20 8.85 34.97
N ALA A 331 7.76 8.42 33.78
CA ALA A 331 8.23 7.17 33.20
C ALA A 331 9.74 7.15 32.97
N PHE A 332 10.30 8.33 32.68
CA PHE A 332 11.74 8.47 32.42
C PHE A 332 12.56 8.88 33.63
N SER A 333 11.91 9.03 34.79
CA SER A 333 12.63 9.46 36.00
C SER A 333 13.87 8.63 36.21
N GLY A 334 15.00 9.28 36.47
CA GLY A 334 16.22 8.56 36.73
C GLY A 334 17.05 8.33 35.47
N LYS A 335 16.46 8.59 34.30
CA LYS A 335 17.13 8.37 33.03
C LYS A 335 17.22 9.68 32.29
N LYS A 336 18.35 9.92 31.63
CA LYS A 336 18.49 11.19 30.93
C LYS A 336 17.91 11.06 29.53
N ILE A 337 16.60 11.22 29.44
CA ILE A 337 15.87 11.11 28.19
C ILE A 337 15.07 12.38 28.04
N THR A 338 15.28 13.13 26.96
CA THR A 338 14.51 14.37 26.83
C THR A 338 13.06 14.04 26.49
N ALA A 339 12.14 14.89 26.91
CA ALA A 339 10.72 14.65 26.63
C ALA A 339 10.10 15.93 26.11
N THR A 340 9.60 15.89 24.87
CA THR A 340 9.12 17.08 24.21
C THR A 340 7.70 16.90 23.72
N MET A 341 6.83 17.82 24.10
CA MET A 341 5.47 17.81 23.58
C MET A 341 5.48 18.47 22.22
N PHE A 342 5.16 17.71 21.18
CA PHE A 342 5.13 18.19 19.80
C PHE A 342 3.75 18.73 19.50
N LYS A 343 3.68 19.99 19.10
CA LYS A 343 2.42 20.57 18.67
C LYS A 343 2.53 20.99 17.21
N GLY A 344 2.01 20.14 16.33
CA GLY A 344 2.12 20.33 14.90
C GLY A 344 1.49 21.61 14.39
N SER A 345 0.51 22.14 15.12
CA SER A 345 -0.14 23.38 14.69
C SER A 345 0.67 24.65 14.98
N GLU A 346 1.72 24.57 15.79
CA GLU A 346 2.50 25.75 16.14
C GLU A 346 3.28 26.27 14.96
N SER A 347 3.63 27.56 15.00
CA SER A 347 4.60 28.10 14.07
C SER A 347 5.85 27.23 14.09
N PRO A 348 6.59 27.21 12.97
CA PRO A 348 7.77 26.34 12.80
C PRO A 348 8.86 26.60 13.82
N PHE A 349 9.60 25.56 14.18
CA PHE A 349 10.79 25.70 15.01
C PHE A 349 11.80 26.62 14.35
N ASP A 350 12.31 27.60 15.12
CA ASP A 350 13.35 28.51 14.68
C ASP A 350 12.88 29.36 13.50
N GLU A 351 11.67 29.89 13.59
CA GLU A 351 11.02 30.48 12.42
C GLU A 351 11.70 31.72 11.85
N ASP A 352 12.53 32.41 12.64
CA ASP A 352 13.20 33.60 12.13
C ASP A 352 14.56 33.31 11.49
N ALA A 353 14.99 32.05 11.57
CA ALA A 353 16.25 31.65 10.95
C ALA A 353 16.09 31.62 9.43
N PRO A 354 17.18 31.91 8.70
CA PRO A 354 17.20 31.78 7.24
C PRO A 354 16.79 30.38 6.86
N TYR A 355 16.01 30.24 5.80
CA TYR A 355 15.68 28.91 5.32
C TYR A 355 16.84 28.38 4.49
N GLN A 356 17.25 27.14 4.79
CA GLN A 356 18.27 26.46 4.02
C GLN A 356 17.68 25.24 3.30
N ALA A 357 17.80 25.22 1.97
CA ALA A 357 17.25 24.13 1.18
C ALA A 357 17.72 22.77 1.68
N ASN A 369 14.63 40.71 3.01
CA ASN A 369 15.02 40.11 1.74
C ASN A 369 15.27 38.61 1.86
N VAL A 370 15.77 38.17 3.02
CA VAL A 370 16.09 36.75 3.21
C VAL A 370 14.85 35.94 3.61
N ARG A 371 14.64 34.82 2.92
CA ARG A 371 13.50 33.96 3.19
C ARG A 371 13.78 33.17 4.47
N THR A 372 12.87 33.25 5.44
CA THR A 372 13.04 32.52 6.69
C THR A 372 12.26 31.20 6.74
N ILE A 373 12.57 30.37 7.73
CA ILE A 373 11.84 29.12 7.91
C ILE A 373 10.34 29.41 8.04
N GLY A 374 10.00 30.47 8.75
CA GLY A 374 8.62 30.87 8.93
C GLY A 374 7.90 31.34 7.67
N ASP A 375 8.66 31.84 6.69
CA ASP A 375 8.10 32.20 5.37
C ASP A 375 7.77 30.94 4.55
N VAL A 376 8.48 29.86 4.85
CA VAL A 376 8.39 28.66 4.03
C VAL A 376 7.32 27.67 4.56
N PHE A 377 7.32 27.43 5.87
CA PHE A 377 6.42 26.42 6.47
C PHE A 377 5.31 27.07 7.26
N ARG A 378 4.07 26.61 7.09
CA ARG A 378 3.01 27.20 7.90
C ARG A 378 3.22 26.85 9.37
N ASN A 379 3.56 25.58 9.63
CA ASN A 379 3.61 25.10 11.00
C ASN A 379 4.60 23.96 11.14
N LYS A 380 4.74 23.45 12.35
CA LYS A 380 5.70 22.39 12.63
C LYS A 380 5.35 21.10 11.90
N ARG A 381 4.06 20.82 11.75
CA ARG A 381 3.68 19.59 11.04
C ARG A 381 4.24 19.60 9.61
N ALA A 382 4.11 20.73 8.93
CA ALA A 382 4.65 20.86 7.58
C ALA A 382 6.17 20.82 7.60
N GLN A 383 6.76 21.57 8.52
CA GLN A 383 8.21 21.63 8.66
C GLN A 383 8.84 20.24 8.76
N PHE A 384 8.31 19.40 9.63
CA PHE A 384 8.97 18.11 9.85
C PHE A 384 8.57 17.03 8.86
N TYR A 385 7.38 17.13 8.29
CA TYR A 385 7.06 16.22 7.17
C TYR A 385 7.96 16.51 5.97
N TYR A 386 8.26 17.77 5.75
CA TYR A 386 9.18 18.09 4.65
C TYR A 386 10.63 17.69 5.00
N ALA A 387 11.02 17.80 6.27
CA ALA A 387 12.33 17.27 6.67
C ALA A 387 12.42 15.77 6.32
N LEU A 388 11.36 15.04 6.62
CA LEU A 388 11.28 13.62 6.27
C LEU A 388 11.35 13.41 4.74
N ALA A 389 10.49 14.09 4.00
CA ALA A 389 10.45 13.91 2.56
C ALA A 389 11.81 14.24 1.95
N ASP A 390 12.44 15.31 2.41
CA ASP A 390 13.75 15.72 1.89
C ASP A 390 14.80 14.64 2.14
N ARG A 391 14.83 14.08 3.34
CA ARG A 391 15.75 12.99 3.63
C ARG A 391 15.50 11.79 2.71
N LEU A 392 14.23 11.45 2.53
CA LEU A 392 13.86 10.30 1.71
C LEU A 392 14.25 10.52 0.24
N TYR A 393 14.02 11.73 -0.27
CA TYR A 393 14.35 12.02 -1.66
C TYR A 393 15.84 11.95 -1.88
N LEU A 394 16.60 12.54 -0.97
CA LEU A 394 18.05 12.48 -1.08
C LEU A 394 18.53 11.04 -1.12
N THR A 395 17.91 10.20 -0.29
CA THR A 395 18.28 8.78 -0.20
C THR A 395 17.97 8.08 -1.52
N TYR A 396 16.81 8.40 -2.07
CA TYR A 396 16.39 7.87 -3.35
C TYR A 396 17.39 8.20 -4.45
N ARG A 397 17.79 9.47 -4.54
CA ARG A 397 18.71 9.87 -5.60
C ARG A 397 20.05 9.17 -5.41
N ALA A 398 20.45 8.95 -4.16
CA ALA A 398 21.71 8.25 -3.88
C ALA A 398 21.63 6.80 -4.35
N VAL A 399 20.56 6.12 -3.96
CA VAL A 399 20.42 4.69 -4.27
C VAL A 399 20.18 4.45 -5.75
N VAL A 400 19.28 5.22 -6.33
CA VAL A 400 18.85 4.99 -7.71
C VAL A 400 19.71 5.71 -8.74
N HIS A 401 20.18 6.91 -8.41
CA HIS A 401 20.93 7.70 -9.39
C HIS A 401 22.40 7.84 -9.05
N GLY A 402 22.82 7.17 -7.98
CA GLY A 402 24.22 7.20 -7.58
C GLY A 402 24.74 8.57 -7.18
N GLU A 403 23.84 9.50 -6.84
CA GLU A 403 24.26 10.84 -6.45
C GLU A 403 24.71 10.86 -4.99
N TYR A 404 25.89 11.43 -4.74
CA TYR A 404 26.43 11.39 -3.39
C TYR A 404 25.61 12.22 -2.41
N ALA A 405 25.56 11.76 -1.18
CA ALA A 405 24.92 12.48 -0.11
C ALA A 405 25.50 12.00 1.21
N ASP A 406 25.55 12.89 2.17
CA ASP A 406 25.99 12.56 3.52
C ASP A 406 24.89 11.69 4.17
N PRO A 407 25.27 10.52 4.69
CA PRO A 407 24.29 9.64 5.35
C PRO A 407 23.52 10.35 6.46
N ASP A 408 24.13 11.34 7.07
CA ASP A 408 23.41 12.11 8.10
C ASP A 408 22.18 12.84 7.55
N ASP A 409 22.18 13.07 6.25
CA ASP A 409 21.08 13.77 5.61
C ASP A 409 20.08 12.82 4.94
N MET A 410 20.33 11.52 5.06
CA MET A 410 19.47 10.51 4.45
C MET A 410 18.57 9.88 5.50
N LEU A 411 17.76 8.91 5.08
CA LEU A 411 16.99 8.10 6.02
C LEU A 411 16.83 6.70 5.43
N SER A 412 17.15 5.69 6.24
CA SER A 412 17.05 4.32 5.82
C SER A 412 16.07 3.58 6.73
N PHE A 413 15.31 2.64 6.16
CA PHE A 413 14.45 1.80 6.98
C PHE A 413 15.13 0.43 7.17
N ASP A 414 15.38 0.05 8.42
CA ASP A 414 16.01 -1.25 8.69
C ASP A 414 14.91 -2.29 8.64
N LYS A 415 14.73 -2.91 7.47
CA LYS A 415 13.60 -3.79 7.24
C LYS A 415 13.56 -4.99 8.18
N GLU A 416 14.71 -5.60 8.42
CA GLU A 416 14.77 -6.75 9.32
C GLU A 416 14.35 -6.36 10.74
N ALA A 417 14.76 -5.18 11.18
CA ALA A 417 14.44 -4.72 12.54
C ALA A 417 12.97 -4.32 12.68
N ILE A 418 12.47 -3.59 11.70
CA ILE A 418 11.11 -3.08 11.74
C ILE A 418 10.08 -4.18 11.46
N GLY A 419 10.40 -5.04 10.51
CA GLY A 419 9.47 -6.08 10.10
C GLY A 419 8.68 -5.66 8.88
N GLU A 420 8.51 -6.57 7.93
CA GLU A 420 7.86 -6.22 6.68
C GLU A 420 6.44 -5.71 6.92
N LYS A 421 5.73 -6.34 7.84
CA LYS A 421 4.33 -6.01 8.05
C LYS A 421 4.14 -4.56 8.46
N MET A 422 4.87 -4.13 9.49
CA MET A 422 4.74 -2.73 9.95
C MET A 422 5.36 -1.75 8.97
N LEU A 423 6.38 -2.18 8.25
CA LEU A 423 6.98 -1.31 7.26
C LEU A 423 5.95 -0.98 6.19
N GLU A 424 5.25 -2.01 5.70
CA GLU A 424 4.22 -1.80 4.68
C GLU A 424 3.07 -0.92 5.18
N LYS A 425 2.65 -1.12 6.43
CA LYS A 425 1.63 -0.25 7.01
C LYS A 425 2.09 1.21 7.01
N LEU A 426 3.33 1.44 7.43
CA LEU A 426 3.87 2.80 7.44
C LEU A 426 3.89 3.41 6.02
N PHE A 427 4.41 2.65 5.07
CA PHE A 427 4.50 3.14 3.69
C PHE A 427 3.13 3.50 3.11
N ALA A 428 2.12 2.68 3.37
CA ALA A 428 0.76 2.95 2.91
C ALA A 428 0.20 4.27 3.45
N GLU A 429 0.60 4.62 4.67
CA GLU A 429 0.22 5.92 5.25
C GLU A 429 1.04 7.08 4.70
N LEU A 430 2.36 6.92 4.65
CA LEU A 430 3.25 7.99 4.18
C LEU A 430 2.89 8.50 2.79
N THR A 431 2.48 7.60 1.89
CA THR A 431 2.17 7.99 0.51
C THR A 431 0.85 8.75 0.39
N GLN A 432 0.12 8.91 1.49
CA GLN A 432 -1.16 9.62 1.45
C GLN A 432 -1.07 11.04 2.01
N ILE A 433 0.05 11.35 2.63
CA ILE A 433 0.27 12.69 3.19
C ILE A 433 0.29 13.67 2.02
N GLN A 434 -0.59 14.69 2.08
CA GLN A 434 -0.85 15.61 0.98
C GLN A 434 -0.63 17.07 1.38
N ARG A 435 -0.01 17.82 0.48
CA ARG A 435 0.05 19.29 0.58
C ARG A 435 -1.35 19.83 0.33
N LYS A 436 -1.68 20.99 0.91
CA LYS A 436 -2.93 21.65 0.55
C LYS A 436 -2.67 23.11 0.16
N PHE A 437 -3.60 23.70 -0.57
CA PHE A 437 -3.40 25.08 -0.99
C PHE A 437 -3.32 25.97 0.24
N ASN A 438 -2.45 26.97 0.16
CA ASN A 438 -2.24 27.91 1.25
C ASN A 438 -2.20 29.35 0.72
N ASN A 439 -3.05 30.20 1.29
CA ASN A 439 -3.28 31.56 0.81
C ASN A 439 -2.17 32.56 1.14
N ASN A 440 -1.11 32.08 1.79
CA ASN A 440 0.08 32.88 1.96
C ASN A 440 1.29 32.24 1.28
N GLY A 441 1.03 31.27 0.41
CA GLY A 441 2.09 30.61 -0.31
C GLY A 441 3.04 29.80 0.54
N LYS A 442 2.60 29.44 1.75
CA LYS A 442 3.43 28.59 2.61
C LYS A 442 3.15 27.13 2.34
N LEU A 443 4.05 26.26 2.78
CA LEU A 443 3.85 24.82 2.73
C LEU A 443 2.97 24.41 3.91
N GLU A 444 1.88 23.72 3.59
CA GLU A 444 0.91 23.30 4.60
C GLU A 444 0.38 21.97 4.15
N LEU A 445 0.10 21.08 5.11
CA LEU A 445 -0.41 19.76 4.80
C LEU A 445 -1.84 19.58 5.26
N MET A 446 -2.56 18.70 4.58
CA MET A 446 -3.90 18.32 5.01
C MET A 446 -3.75 17.73 6.41
N THR A 447 -4.68 18.08 7.31
CA THR A 447 -4.62 17.61 8.71
C THR A 447 -5.08 16.16 8.77
N LYS A 448 -4.74 15.48 9.85
CA LYS A 448 -5.21 14.09 10.02
C LYS A 448 -6.74 14.03 9.95
N VAL A 449 -7.41 14.94 10.63
CA VAL A 449 -8.87 15.00 10.58
C VAL A 449 -9.40 15.19 9.16
N GLU A 450 -8.76 16.07 8.41
CA GLU A 450 -9.17 16.33 7.02
C GLU A 450 -9.00 15.07 6.17
N MET A 451 -7.89 14.36 6.37
CA MET A 451 -7.62 13.13 5.62
C MET A 451 -8.71 12.09 5.85
N LYS A 452 -9.03 11.87 7.12
CA LYS A 452 -10.12 10.96 7.46
C LYS A 452 -11.43 11.39 6.83
N GLN A 453 -11.76 12.67 6.94
CA GLN A 453 -12.99 13.18 6.34
C GLN A 453 -13.02 13.04 4.82
N LYS A 454 -11.93 13.40 4.15
CA LYS A 454 -11.91 13.44 2.70
C LYS A 454 -11.54 12.12 2.06
N LEU A 455 -10.52 11.46 2.61
CA LEU A 455 -10.00 10.24 2.02
C LEU A 455 -10.68 8.99 2.54
N GLY A 456 -11.39 9.10 3.67
CA GLY A 456 -12.09 7.95 4.22
C GLY A 456 -11.16 6.87 4.77
N ILE A 457 -10.02 7.30 5.28
CA ILE A 457 -9.02 6.40 5.85
C ILE A 457 -8.82 6.64 7.33
N PRO A 458 -8.32 5.62 8.05
CA PRO A 458 -7.91 5.85 9.44
C PRO A 458 -6.81 6.89 9.54
N SER A 459 -6.72 7.53 10.69
CA SER A 459 -5.65 8.49 10.95
CA SER A 459 -5.65 8.49 10.95
C SER A 459 -4.28 7.86 10.71
N PRO A 460 -3.42 8.53 9.93
CA PRO A 460 -2.07 8.04 9.62
C PRO A 460 -1.08 8.24 10.79
N ASN A 461 -1.31 7.50 11.88
CA ASN A 461 -0.56 7.69 13.11
C ASN A 461 0.85 7.09 13.12
N LEU A 462 1.12 6.10 12.28
CA LEU A 462 2.52 5.64 12.14
C LEU A 462 3.35 6.69 11.40
N ALA A 463 2.77 7.25 10.35
CA ALA A 463 3.45 8.27 9.57
C ALA A 463 3.71 9.49 10.44
N ASP A 464 2.71 9.92 11.20
CA ASP A 464 2.91 11.08 12.07
C ASP A 464 3.95 10.80 13.16
N ALA A 465 3.97 9.58 13.72
CA ALA A 465 4.99 9.25 14.70
C ALA A 465 6.39 9.33 14.10
N LEU A 466 6.55 8.83 12.88
CA LEU A 466 7.84 8.94 12.20
C LEU A 466 8.21 10.39 11.94
N MET A 467 7.22 11.19 11.53
CA MET A 467 7.45 12.61 11.25
C MET A 467 7.97 13.33 12.50
N MET A 468 7.35 13.04 13.63
CA MET A 468 7.74 13.71 14.88
C MET A 468 9.16 13.39 15.30
N CYS A 469 9.63 12.18 15.01
N CYS A 469 9.60 12.18 14.96
CA CYS A 469 11.01 11.86 15.39
CA CYS A 469 10.98 11.72 15.20
C CYS A 469 12.05 12.47 14.44
C CYS A 469 12.02 12.56 14.51
N MET A 470 11.60 13.27 13.46
CA MET A 470 12.53 14.06 12.66
C MET A 470 13.03 15.28 13.45
N HIS A 471 12.34 15.62 14.54
CA HIS A 471 12.61 16.85 15.28
C HIS A 471 13.42 16.61 16.57
N CYS A 472 14.51 17.37 16.75
CA CYS A 472 15.38 17.24 17.92
CA CYS A 472 15.38 17.26 17.93
C CYS A 472 15.66 18.62 18.55
N PRO A 473 14.67 19.19 19.27
CA PRO A 473 14.84 20.55 19.81
C PRO A 473 15.55 20.64 21.16
N ALA A 474 15.70 19.50 21.83
CA ALA A 474 16.28 19.49 23.17
C ALA A 474 17.76 19.17 23.08
N LEU A 475 18.59 20.11 23.54
CA LEU A 475 20.04 19.93 23.52
C LEU A 475 20.49 19.15 24.74
N VAL A 476 21.30 18.12 24.53
CA VAL A 476 21.83 17.36 25.65
C VAL A 476 23.23 16.80 25.38
N ARG A 477 23.96 16.57 26.47
CA ARG A 477 25.23 15.85 26.43
C ARG A 477 25.30 15.00 27.69
N GLU A 478 26.01 13.89 27.61
CA GLU A 478 26.21 13.05 28.79
C GLU A 478 26.64 13.91 29.98
N GLU A 479 27.53 14.86 29.72
CA GLU A 479 28.14 15.68 30.78
C GLU A 479 27.33 16.91 31.24
N THR A 480 26.24 17.21 30.56
CA THR A 480 25.55 18.48 30.82
C THR A 480 24.07 18.33 31.09
N GLU A 481 23.46 19.44 31.45
CA GLU A 481 22.02 19.53 31.60
C GLU A 481 21.36 19.25 30.27
N ILE A 482 20.06 18.96 30.31
CA ILE A 482 19.24 19.07 29.11
C ILE A 482 18.90 20.56 28.97
N TYR A 483 19.15 21.12 27.79
CA TYR A 483 18.81 22.53 27.54
C TYR A 483 17.82 22.67 26.39
N VAL A 484 16.66 23.27 26.68
CA VAL A 484 15.64 23.48 25.67
C VAL A 484 15.54 24.97 25.35
N PRO A 485 16.27 25.43 24.32
CA PRO A 485 16.25 26.83 23.89
C PRO A 485 14.87 27.24 23.35
N SER A 486 14.50 28.51 23.52
CA SER A 486 13.23 29.01 22.97
C SER A 486 13.01 30.50 23.26
MG MG B . -15.22 -12.01 -10.09
PG AGS C . -15.96 -9.22 -8.58
S1G AGS C . -16.92 -8.91 -6.82
O2G AGS C . -15.84 -10.76 -8.53
O3G AGS C . -14.68 -8.31 -8.92
PB AGS C . -17.19 -9.57 -11.10
O1B AGS C . -16.70 -8.28 -11.84
O2B AGS C . -16.32 -10.78 -11.39
O3B AGS C . -17.26 -9.23 -9.55
PA AGS C . -19.42 -11.14 -11.74
O1A AGS C . -19.02 -11.70 -13.02
O2A AGS C . -19.28 -12.11 -10.61
O3A AGS C . -18.65 -9.76 -11.51
O5' AGS C . -20.91 -10.74 -11.94
C5' AGS C . -21.65 -10.27 -10.80
C4' AGS C . -23.03 -10.74 -10.68
O4' AGS C . -23.79 -10.21 -11.80
C3' AGS C . -23.12 -12.20 -10.79
O3' AGS C . -23.10 -12.80 -9.54
C2' AGS C . -24.42 -12.42 -11.43
O2' AGS C . -25.40 -12.43 -10.46
C1' AGS C . -24.61 -11.23 -12.30
N9 AGS C . -24.26 -11.43 -13.75
C8 AGS C . -23.17 -10.99 -14.38
N7 AGS C . -23.26 -11.36 -15.66
C5 AGS C . -24.41 -12.03 -15.85
C6 AGS C . -25.02 -12.64 -16.96
N6 AGS C . -24.41 -12.61 -18.24
N1 AGS C . -26.22 -13.25 -16.79
C2 AGS C . -26.82 -13.27 -15.59
N3 AGS C . -26.26 -12.69 -14.51
C4 AGS C . -25.07 -12.08 -14.62
#